data_5ACK
#
_entry.id   5ACK
#
_cell.length_a   147.980
_cell.length_b   44.540
_cell.length_c   47.810
_cell.angle_alpha   90.00
_cell.angle_beta   101.25
_cell.angle_gamma   90.00
#
_symmetry.space_group_name_H-M   'C 1 2 1'
#
loop_
_entity.id
_entity.type
_entity.pdbx_description
1 polymer '3-PHOSPHOINOSITIDE-DEPENDENT PROTEIN KINASE 1'
2 non-polymer "ADENOSINE-5'-TRIPHOSPHATE"
3 non-polymer '1-(4-CHLOROPHENETHYL)-2-(2-CHLOROPHENYL)-6-OXOPIPERIDINE-3-CARBOXYLIC ACID'
4 non-polymer 'DITHIANE DIOL'
5 non-polymer 'DIMETHYL SULFOXIDE'
6 non-polymer 'SODIUM ION'
7 water water
#
_entity_poly.entity_id   1
_entity_poly.type   'polypeptide(L)'
_entity_poly.pdbx_seq_one_letter_code
;GAMDGTAAEPRPGAGSLQHAQPPPQPRKKRPEDFKFGKILGEGSFSTVVLARELATSREYAIKILEKRHIIKENKVPYVT
RERDVMSRLDHPFFVKLYFTFQDDEKLYFGLSYAKNGELLKYIRKIGSFDETCTRFYTAEIVSALEYLHGKGIIHRDLKP
ENILLNEDMHIQITDFGTAKVLSPESKQARAN(SEP)FVGTAQYVSPELLTEKSACKSSDLWALGCIIYQLVAGLPPFRA
GNEGLIFAKIIKLEYDFPEKFFPKARDLVEKLLVLDATKRLGCEEMEGYGPLKAHPFFESVTWENLHQQTPPKLT
;
_entity_poly.pdbx_strand_id   A
#
loop_
_chem_comp.id
_chem_comp.type
_chem_comp.name
_chem_comp.formula
ATP non-polymer ADENOSINE-5'-TRIPHOSPHATE 'C10 H16 N5 O13 P3'
DMS non-polymer 'DIMETHYL SULFOXIDE' 'C2 H6 O S'
DTD non-polymer 'DITHIANE DIOL' 'C4 H8 O2 S2'
NA non-polymer 'SODIUM ION' 'Na 1'
SVQ non-polymer '1-(4-CHLOROPHENETHYL)-2-(2-CHLOROPHENYL)-6-OXOPIPERIDINE-3-CARBOXYLIC ACID' 'C20 H19 Cl2 N O3'
#
# COMPACT_ATOMS: atom_id res chain seq x y z
N GLN A 25 21.82 -14.69 -15.24
CA GLN A 25 20.43 -14.20 -15.36
C GLN A 25 19.70 -14.78 -16.59
N PRO A 26 18.36 -14.92 -16.51
CA PRO A 26 17.64 -15.43 -17.70
C PRO A 26 17.75 -14.43 -18.86
N ARG A 27 17.46 -14.90 -20.06
CA ARG A 27 17.49 -14.05 -21.23
C ARG A 27 16.59 -12.83 -20.98
N LYS A 28 17.06 -11.62 -21.31
CA LYS A 28 16.26 -10.41 -21.18
C LYS A 28 15.04 -10.56 -22.07
N LYS A 29 13.88 -10.24 -21.51
CA LYS A 29 12.62 -10.37 -22.20
C LYS A 29 12.37 -9.20 -23.15
N ARG A 30 11.50 -9.45 -24.12
CA ARG A 30 11.20 -8.47 -25.18
C ARG A 30 9.69 -8.52 -25.36
N PRO A 31 9.06 -7.46 -25.95
CA PRO A 31 7.60 -7.47 -26.06
C PRO A 31 7.09 -8.69 -26.79
N GLU A 32 7.81 -9.12 -27.81
CA GLU A 32 7.41 -10.24 -28.66
CA GLU A 32 7.36 -10.23 -28.64
C GLU A 32 7.44 -11.57 -27.92
N ASP A 33 7.99 -11.58 -26.71
CA ASP A 33 7.98 -12.80 -25.88
C ASP A 33 6.64 -13.06 -25.22
N PHE A 34 5.70 -12.13 -25.38
CA PHE A 34 4.40 -12.20 -24.73
C PHE A 34 3.24 -12.09 -25.71
N LYS A 35 2.10 -12.61 -25.27
CA LYS A 35 0.81 -12.28 -25.89
C LYS A 35 0.04 -11.46 -24.86
N PHE A 36 -0.37 -10.26 -25.26
CA PHE A 36 -1.10 -9.39 -24.36
CA PHE A 36 -1.14 -9.36 -24.38
C PHE A 36 -2.61 -9.63 -24.49
N GLY A 37 -3.29 -9.55 -23.37
CA GLY A 37 -4.73 -9.67 -23.30
C GLY A 37 -5.31 -8.37 -22.86
N LYS A 38 -6.27 -8.44 -21.94
CA LYS A 38 -7.01 -7.25 -21.55
C LYS A 38 -6.19 -6.24 -20.78
N ILE A 39 -6.58 -4.98 -20.93
CA ILE A 39 -6.09 -3.95 -20.06
C ILE A 39 -6.72 -4.11 -18.67
N LEU A 40 -5.85 -4.14 -17.68
CA LEU A 40 -6.27 -4.30 -16.31
C LEU A 40 -6.57 -2.96 -15.67
N GLY A 41 -5.82 -1.96 -16.09
CA GLY A 41 -6.16 -0.61 -15.70
C GLY A 41 -5.27 0.39 -16.35
N GLU A 42 -5.66 1.64 -16.19
CA GLU A 42 -4.97 2.75 -16.81
C GLU A 42 -4.78 3.81 -15.75
N GLY A 43 -3.55 4.25 -15.61
CA GLY A 43 -3.21 5.26 -14.64
C GLY A 43 -3.05 6.55 -15.41
N SER A 44 -2.66 7.62 -14.71
CA SER A 44 -2.35 8.86 -15.37
C SER A 44 -1.17 8.75 -16.36
N PHE A 45 -0.21 7.86 -16.10
CA PHE A 45 0.99 7.77 -16.95
C PHE A 45 1.43 6.33 -17.22
N SER A 46 0.52 5.38 -17.04
CA SER A 46 0.86 3.98 -17.25
C SER A 46 -0.39 3.22 -17.61
N THR A 47 -0.15 2.05 -18.23
CA THR A 47 -1.23 1.11 -18.55
C THR A 47 -0.77 -0.24 -18.12
N VAL A 48 -1.63 -1.00 -17.42
CA VAL A 48 -1.28 -2.35 -17.03
C VAL A 48 -2.09 -3.31 -17.87
N VAL A 49 -1.40 -4.29 -18.46
CA VAL A 49 -2.01 -5.25 -19.36
CA VAL A 49 -2.05 -5.29 -19.33
C VAL A 49 -1.77 -6.67 -18.82
N LEU A 50 -2.76 -7.53 -18.94
CA LEU A 50 -2.55 -8.93 -18.64
C LEU A 50 -1.76 -9.56 -19.79
N ALA A 51 -0.74 -10.33 -19.49
CA ALA A 51 0.11 -10.90 -20.52
C ALA A 51 0.42 -12.36 -20.18
N ARG A 52 0.58 -13.12 -21.25
CA ARG A 52 1.04 -14.51 -21.15
C ARG A 52 2.40 -14.61 -21.82
N GLU A 53 3.38 -15.17 -21.12
CA GLU A 53 4.69 -15.38 -21.68
C GLU A 53 4.70 -16.63 -22.55
N LEU A 54 5.09 -16.50 -23.80
CA LEU A 54 4.96 -17.63 -24.74
C LEU A 54 5.76 -18.86 -24.31
N ALA A 55 6.96 -18.64 -23.86
CA ALA A 55 7.89 -19.77 -23.64
C ALA A 55 7.54 -20.54 -22.39
N THR A 56 6.70 -20.01 -21.51
CA THR A 56 6.35 -20.60 -20.21
C THR A 56 4.88 -20.78 -19.93
N SER A 57 4.04 -20.00 -20.62
CA SER A 57 2.61 -19.91 -20.38
C SER A 57 2.23 -19.22 -19.05
N ARG A 58 3.19 -18.60 -18.39
CA ARG A 58 2.90 -17.82 -17.19
C ARG A 58 2.22 -16.51 -17.49
N GLU A 59 1.37 -16.15 -16.55
CA GLU A 59 0.65 -14.91 -16.54
CA GLU A 59 0.67 -14.86 -16.60
C GLU A 59 1.34 -13.84 -15.73
N TYR A 60 1.45 -12.65 -16.30
CA TYR A 60 2.00 -11.48 -15.62
C TYR A 60 1.07 -10.28 -15.85
N ALA A 61 1.11 -9.36 -14.90
CA ALA A 61 0.55 -8.03 -15.15
C ALA A 61 1.71 -7.16 -15.60
N ILE A 62 1.70 -6.68 -16.81
CA ILE A 62 2.82 -5.89 -17.30
C ILE A 62 2.39 -4.43 -17.30
N LYS A 63 3.11 -3.62 -16.52
CA LYS A 63 2.91 -2.19 -16.46
CA LYS A 63 2.91 -2.17 -16.48
C LYS A 63 3.77 -1.52 -17.51
N ILE A 64 3.14 -0.78 -18.41
CA ILE A 64 3.79 -0.23 -19.56
C ILE A 64 3.65 1.32 -19.52
N LEU A 65 4.79 1.98 -19.70
CA LEU A 65 4.88 3.44 -19.66
C LEU A 65 5.50 3.95 -20.94
N GLU A 66 4.87 5.01 -21.49
CA GLU A 66 5.36 5.64 -22.71
CA GLU A 66 5.34 5.66 -22.70
C GLU A 66 6.43 6.63 -22.28
N LYS A 67 7.63 6.42 -22.80
CA LYS A 67 8.75 7.27 -22.40
C LYS A 67 8.48 8.77 -22.66
N ARG A 68 7.89 9.09 -23.81
CA ARG A 68 7.73 10.49 -24.17
C ARG A 68 6.84 11.15 -23.11
N HIS A 69 5.86 10.42 -22.61
CA HIS A 69 4.95 10.93 -21.60
C HIS A 69 5.64 11.10 -20.25
N ILE A 70 6.40 10.08 -19.85
CA ILE A 70 7.16 10.15 -18.62
C ILE A 70 8.06 11.36 -18.63
N ILE A 71 8.70 11.59 -19.75
CA ILE A 71 9.52 12.78 -19.84
C ILE A 71 8.68 14.04 -19.72
N LYS A 72 7.61 14.13 -20.50
CA LYS A 72 6.84 15.37 -20.52
C LYS A 72 6.32 15.71 -19.13
N GLU A 73 5.98 14.67 -18.37
CA GLU A 73 5.29 14.84 -17.10
C GLU A 73 6.26 14.81 -15.92
N ASN A 74 7.57 14.90 -16.19
CA ASN A 74 8.61 14.91 -15.14
C ASN A 74 8.59 13.67 -14.25
N LYS A 75 8.36 12.50 -14.86
CA LYS A 75 8.16 11.27 -14.09
C LYS A 75 9.37 10.30 -14.12
N VAL A 76 10.49 10.71 -14.71
CA VAL A 76 11.63 9.78 -14.74
C VAL A 76 12.04 9.32 -13.33
N PRO A 77 12.10 10.25 -12.36
CA PRO A 77 12.50 9.76 -11.04
C PRO A 77 11.52 8.76 -10.44
N TYR A 78 10.25 8.88 -10.77
CA TYR A 78 9.18 7.99 -10.28
CA TYR A 78 9.26 7.99 -10.21
C TYR A 78 9.39 6.57 -10.81
N VAL A 79 9.62 6.45 -12.11
CA VAL A 79 9.85 5.16 -12.72
CA VAL A 79 9.79 5.12 -12.67
C VAL A 79 11.09 4.47 -12.16
N THR A 80 12.15 5.27 -12.03
CA THR A 80 13.39 4.76 -11.44
C THR A 80 13.17 4.27 -10.01
N ARG A 81 12.46 5.07 -9.24
CA ARG A 81 12.15 4.72 -7.85
C ARG A 81 11.34 3.43 -7.74
N GLU A 82 10.34 3.29 -8.60
CA GLU A 82 9.51 2.11 -8.58
C GLU A 82 10.39 0.86 -8.78
N ARG A 83 11.23 0.92 -9.81
CA ARG A 83 12.13 -0.23 -10.05
C ARG A 83 13.07 -0.50 -8.89
N ASP A 84 13.72 0.56 -8.38
CA ASP A 84 14.68 0.37 -7.32
C ASP A 84 14.03 -0.17 -6.05
N VAL A 85 12.90 0.38 -5.67
CA VAL A 85 12.26 -0.07 -4.45
C VAL A 85 11.75 -1.49 -4.60
N MET A 86 11.04 -1.77 -5.70
CA MET A 86 10.45 -3.11 -5.81
C MET A 86 11.53 -4.16 -5.94
N SER A 87 12.67 -3.81 -6.52
CA SER A 87 13.76 -4.78 -6.62
CA SER A 87 13.78 -4.76 -6.61
C SER A 87 14.27 -5.24 -5.25
N ARG A 88 14.01 -4.47 -4.20
CA ARG A 88 14.50 -4.77 -2.85
C ARG A 88 13.53 -5.63 -2.06
N LEU A 89 12.30 -5.80 -2.55
CA LEU A 89 11.27 -6.44 -1.76
C LEU A 89 11.22 -7.91 -2.07
N ASP A 90 11.02 -8.69 -1.04
CA ASP A 90 10.93 -10.11 -1.16
C ASP A 90 10.08 -10.62 -0.01
N HIS A 91 8.78 -10.41 -0.11
CA HIS A 91 7.85 -10.79 0.93
C HIS A 91 6.47 -11.12 0.32
N PRO A 92 5.73 -12.07 0.87
CA PRO A 92 4.47 -12.48 0.25
C PRO A 92 3.38 -11.46 0.16
N PHE A 93 3.44 -10.40 0.92
CA PHE A 93 2.37 -9.40 0.94
C PHE A 93 2.60 -8.21 0.01
N PHE A 94 3.56 -8.34 -0.92
CA PHE A 94 3.85 -7.30 -1.88
C PHE A 94 3.76 -7.85 -3.28
N VAL A 95 3.30 -7.04 -4.21
CA VAL A 95 3.42 -7.36 -5.65
C VAL A 95 4.88 -7.56 -5.92
N LYS A 96 5.20 -8.62 -6.69
CA LYS A 96 6.60 -8.91 -7.05
C LYS A 96 6.94 -8.34 -8.43
N LEU A 97 8.14 -7.76 -8.51
CA LEU A 97 8.70 -7.31 -9.80
C LEU A 97 9.61 -8.44 -10.28
N TYR A 98 9.19 -9.12 -11.33
CA TYR A 98 9.95 -10.24 -11.88
C TYR A 98 11.00 -9.85 -12.89
N PHE A 99 10.74 -8.81 -13.66
CA PHE A 99 11.66 -8.37 -14.73
C PHE A 99 11.27 -7.01 -15.22
N THR A 100 12.22 -6.36 -15.89
CA THR A 100 11.95 -5.10 -16.58
C THR A 100 12.60 -5.19 -17.94
N PHE A 101 12.05 -4.43 -18.88
CA PHE A 101 12.72 -4.24 -20.18
C PHE A 101 12.17 -2.98 -20.85
N GLN A 102 12.75 -2.61 -21.97
CA GLN A 102 12.34 -1.39 -22.66
C GLN A 102 12.50 -1.57 -24.15
N ASP A 103 11.83 -0.72 -24.89
CA ASP A 103 12.08 -0.58 -26.31
C ASP A 103 12.15 0.92 -26.60
N ASP A 104 12.09 1.31 -27.86
CA ASP A 104 12.35 2.70 -28.18
C ASP A 104 11.27 3.63 -27.61
N GLU A 105 10.07 3.12 -27.47
CA GLU A 105 8.92 3.90 -27.07
C GLU A 105 8.51 3.71 -25.63
N LYS A 106 8.83 2.55 -25.02
CA LYS A 106 8.18 2.15 -23.78
CA LYS A 106 8.15 2.13 -23.80
C LYS A 106 9.09 1.49 -22.77
N LEU A 107 8.69 1.61 -21.52
CA LEU A 107 9.26 0.88 -20.40
C LEU A 107 8.24 -0.16 -19.97
N TYR A 108 8.75 -1.34 -19.59
CA TYR A 108 7.90 -2.48 -19.20
C TYR A 108 8.32 -3.07 -17.87
N PHE A 109 7.36 -3.23 -16.95
CA PHE A 109 7.58 -3.88 -15.68
C PHE A 109 6.73 -5.14 -15.64
N GLY A 110 7.39 -6.30 -15.46
CA GLY A 110 6.69 -7.58 -15.30
C GLY A 110 6.39 -7.86 -13.85
N LEU A 111 5.13 -7.74 -13.49
CA LEU A 111 4.64 -7.85 -12.13
C LEU A 111 3.79 -9.10 -11.91
N SER A 112 3.67 -9.49 -10.65
CA SER A 112 2.70 -10.51 -10.35
C SER A 112 1.29 -9.98 -10.63
N TYR A 113 0.42 -10.83 -11.10
CA TYR A 113 -0.97 -10.48 -11.38
C TYR A 113 -1.81 -10.78 -10.14
N ALA A 114 -2.45 -9.76 -9.60
CA ALA A 114 -3.34 -9.87 -8.46
C ALA A 114 -4.73 -9.96 -9.02
N LYS A 115 -5.22 -11.19 -9.16
CA LYS A 115 -6.43 -11.44 -9.91
C LYS A 115 -7.68 -10.83 -9.33
N ASN A 116 -7.74 -10.68 -8.02
CA ASN A 116 -8.94 -10.14 -7.39
C ASN A 116 -8.97 -8.62 -7.18
N GLY A 117 -7.97 -7.93 -7.70
CA GLY A 117 -8.04 -6.49 -7.82
C GLY A 117 -7.87 -5.76 -6.50
N GLU A 118 -8.44 -4.57 -6.41
CA GLU A 118 -8.22 -3.65 -5.29
C GLU A 118 -9.09 -3.95 -4.07
N LEU A 119 -8.49 -3.81 -2.90
CA LEU A 119 -9.25 -3.92 -1.66
C LEU A 119 -10.43 -2.94 -1.64
N LEU A 120 -10.24 -1.76 -2.22
CA LEU A 120 -11.28 -0.75 -2.24
C LEU A 120 -12.58 -1.28 -2.87
N LYS A 121 -12.48 -2.10 -3.90
CA LYS A 121 -13.66 -2.65 -4.56
C LYS A 121 -14.55 -3.38 -3.58
N TYR A 122 -13.91 -4.14 -2.68
CA TYR A 122 -14.65 -4.90 -1.69
C TYR A 122 -15.29 -4.01 -0.65
N ILE A 123 -14.54 -2.99 -0.23
CA ILE A 123 -15.16 -2.07 0.69
C ILE A 123 -16.40 -1.41 0.08
N ARG A 124 -16.33 -1.01 -1.17
CA ARG A 124 -17.49 -0.39 -1.79
C ARG A 124 -18.66 -1.35 -1.91
N LYS A 125 -18.37 -2.58 -2.33
CA LYS A 125 -19.45 -3.53 -2.56
C LYS A 125 -20.12 -3.99 -1.29
N ILE A 126 -19.34 -4.28 -0.24
CA ILE A 126 -19.89 -4.82 1.00
CA ILE A 126 -20.00 -4.81 0.97
C ILE A 126 -20.26 -3.73 2.01
N GLY A 127 -19.58 -2.62 1.91
CA GLY A 127 -19.90 -1.48 2.73
C GLY A 127 -19.07 -1.42 3.99
N SER A 128 -18.96 -2.55 4.70
N SER A 128 -18.86 -2.57 4.61
CA SER A 128 -18.31 -2.65 6.01
CA SER A 128 -17.90 -2.65 5.68
C SER A 128 -17.69 -4.06 5.94
C SER A 128 -17.80 -4.04 6.27
N PHE A 129 -16.57 -4.30 6.61
CA PHE A 129 -16.10 -5.64 6.88
C PHE A 129 -16.51 -6.01 8.30
N ASP A 130 -16.83 -7.29 8.50
CA ASP A 130 -17.09 -7.79 9.85
C ASP A 130 -15.75 -7.85 10.64
N GLU A 131 -15.84 -8.17 11.91
CA GLU A 131 -14.69 -8.05 12.77
C GLU A 131 -13.58 -9.05 12.37
N THR A 132 -13.97 -10.29 12.04
CA THR A 132 -12.99 -11.30 11.64
C THR A 132 -12.22 -10.87 10.40
N CYS A 133 -12.92 -10.34 9.42
CA CYS A 133 -12.29 -9.89 8.19
C CYS A 133 -11.47 -8.64 8.39
N THR A 134 -11.98 -7.71 9.18
CA THR A 134 -11.20 -6.52 9.50
C THR A 134 -9.91 -6.95 10.19
N ARG A 135 -9.98 -7.85 11.17
CA ARG A 135 -8.78 -8.26 11.88
C ARG A 135 -7.78 -8.96 10.97
N PHE A 136 -8.27 -9.83 10.12
CA PHE A 136 -7.37 -10.59 9.23
C PHE A 136 -6.61 -9.67 8.26
N TYR A 137 -7.37 -8.80 7.58
CA TYR A 137 -6.74 -7.95 6.59
C TYR A 137 -5.87 -6.87 7.23
N THR A 138 -6.30 -6.38 8.40
CA THR A 138 -5.45 -5.43 9.14
C THR A 138 -4.15 -6.11 9.55
N ALA A 139 -4.24 -7.36 10.04
CA ALA A 139 -3.04 -8.09 10.43
C ALA A 139 -2.11 -8.27 9.24
N GLU A 140 -2.63 -8.61 8.05
CA GLU A 140 -1.74 -8.72 6.90
C GLU A 140 -1.07 -7.39 6.58
N ILE A 141 -1.80 -6.28 6.66
CA ILE A 141 -1.19 -4.99 6.39
C ILE A 141 -0.10 -4.67 7.42
N VAL A 142 -0.37 -4.96 8.70
CA VAL A 142 0.63 -4.76 9.74
C VAL A 142 1.87 -5.61 9.45
N SER A 143 1.69 -6.88 9.09
CA SER A 143 2.84 -7.73 8.78
CA SER A 143 2.82 -7.75 8.79
C SER A 143 3.63 -7.16 7.63
N ALA A 144 2.95 -6.67 6.61
CA ALA A 144 3.64 -6.08 5.46
C ALA A 144 4.41 -4.84 5.87
N LEU A 145 3.78 -3.93 6.64
CA LEU A 145 4.50 -2.74 7.09
C LEU A 145 5.67 -3.06 8.00
N GLU A 146 5.55 -4.06 8.84
CA GLU A 146 6.70 -4.46 9.67
C GLU A 146 7.89 -4.81 8.77
N TYR A 147 7.61 -5.58 7.73
CA TYR A 147 8.68 -5.93 6.78
C TYR A 147 9.26 -4.69 6.08
N LEU A 148 8.38 -3.83 5.55
CA LEU A 148 8.82 -2.69 4.79
C LEU A 148 9.65 -1.73 5.65
N HIS A 149 9.15 -1.45 6.84
CA HIS A 149 9.85 -0.55 7.73
C HIS A 149 11.15 -1.17 8.24
N GLY A 150 11.17 -2.49 8.40
CA GLY A 150 12.41 -3.15 8.73
C GLY A 150 13.51 -3.02 7.70
N LYS A 151 13.13 -2.80 6.47
CA LYS A 151 14.07 -2.49 5.40
C LYS A 151 14.31 -1.00 5.21
N GLY A 152 13.78 -0.17 6.08
CA GLY A 152 13.99 1.25 6.02
C GLY A 152 13.28 1.88 4.86
N ILE A 153 12.11 1.37 4.48
CA ILE A 153 11.36 1.93 3.34
C ILE A 153 10.04 2.48 3.86
N ILE A 154 9.67 3.70 3.43
CA ILE A 154 8.35 4.26 3.73
C ILE A 154 7.51 4.12 2.45
N HIS A 155 6.26 3.68 2.57
CA HIS A 155 5.41 3.55 1.39
C HIS A 155 4.94 4.95 0.89
N ARG A 156 4.34 5.71 1.83
CA ARG A 156 3.86 7.10 1.66
C ARG A 156 2.55 7.26 0.93
N ASP A 157 2.06 6.23 0.28
CA ASP A 157 0.75 6.33 -0.37
C ASP A 157 -0.06 5.05 -0.09
N LEU A 158 -0.07 4.61 1.16
CA LEU A 158 -0.82 3.42 1.53
C LEU A 158 -2.32 3.74 1.54
N LYS A 159 -3.13 2.94 0.84
CA LYS A 159 -4.56 3.18 0.74
C LYS A 159 -5.18 1.96 0.09
N PRO A 160 -6.48 1.75 0.24
CA PRO A 160 -7.11 0.53 -0.26
C PRO A 160 -6.94 0.30 -1.77
N GLU A 161 -6.81 1.36 -2.55
CA GLU A 161 -6.56 1.21 -3.99
C GLU A 161 -5.20 0.55 -4.29
N ASN A 162 -4.27 0.68 -3.36
CA ASN A 162 -2.93 0.17 -3.51
C ASN A 162 -2.69 -1.12 -2.73
N ILE A 163 -3.75 -1.73 -2.19
CA ILE A 163 -3.68 -3.03 -1.53
C ILE A 163 -4.48 -3.95 -2.42
N LEU A 164 -3.77 -4.77 -3.22
CA LEU A 164 -4.45 -5.66 -4.16
C LEU A 164 -4.65 -7.01 -3.49
N LEU A 165 -5.44 -7.84 -4.14
CA LEU A 165 -5.80 -9.16 -3.61
C LEU A 165 -5.47 -10.20 -4.66
N ASN A 166 -4.68 -11.19 -4.29
CA ASN A 166 -4.34 -12.28 -5.22
C ASN A 166 -5.48 -13.28 -5.32
N GLU A 167 -5.28 -14.30 -6.16
CA GLU A 167 -6.30 -15.32 -6.36
C GLU A 167 -6.68 -16.02 -5.07
N ASP A 168 -5.79 -16.11 -4.09
CA ASP A 168 -6.10 -16.75 -2.82
C ASP A 168 -6.66 -15.78 -1.78
N MET A 169 -6.82 -14.51 -2.17
CA MET A 169 -7.40 -13.43 -1.33
C MET A 169 -6.45 -12.96 -0.22
N HIS A 170 -5.15 -13.14 -0.43
CA HIS A 170 -4.12 -12.49 0.40
C HIS A 170 -3.76 -11.15 -0.23
N ILE A 171 -3.30 -10.23 0.61
CA ILE A 171 -2.94 -8.92 0.08
C ILE A 171 -1.66 -8.93 -0.72
N GLN A 172 -1.58 -7.96 -1.64
CA GLN A 172 -0.40 -7.65 -2.47
C GLN A 172 -0.31 -6.15 -2.58
N ILE A 173 0.54 -5.55 -1.74
CA ILE A 173 0.67 -4.10 -1.76
C ILE A 173 1.47 -3.67 -2.99
N THR A 174 1.04 -2.56 -3.59
CA THR A 174 1.64 -2.07 -4.81
C THR A 174 1.87 -0.57 -4.74
N ASP A 175 2.42 -0.05 -5.84
CA ASP A 175 2.56 1.42 -6.05
CA ASP A 175 2.63 1.36 -6.12
C ASP A 175 3.75 1.99 -5.28
N PHE A 176 4.97 1.71 -5.74
CA PHE A 176 6.17 2.09 -5.08
C PHE A 176 6.93 3.22 -5.71
N GLY A 177 6.39 3.83 -6.76
CA GLY A 177 7.09 4.96 -7.35
C GLY A 177 7.16 6.17 -6.45
N THR A 178 6.30 6.24 -5.43
CA THR A 178 6.36 7.29 -4.46
C THR A 178 6.86 6.85 -3.11
N ALA A 179 7.42 5.65 -3.03
CA ALA A 179 8.03 5.18 -1.82
C ALA A 179 9.43 5.81 -1.64
N LYS A 180 9.99 5.63 -0.44
CA LYS A 180 11.31 6.18 -0.15
C LYS A 180 12.15 5.16 0.59
N VAL A 181 13.36 4.89 0.07
CA VAL A 181 14.36 4.13 0.80
C VAL A 181 15.11 5.16 1.67
N LEU A 182 14.96 5.07 2.95
CA LEU A 182 15.71 5.94 3.86
C LEU A 182 17.15 5.48 3.89
N SER A 183 18.10 6.41 3.90
CA SER A 183 19.51 6.05 3.82
CA SER A 183 19.52 6.08 3.83
C SER A 183 19.99 5.48 5.14
N PRO A 184 20.52 4.25 5.12
CA PRO A 184 21.05 3.76 6.39
C PRO A 184 22.34 4.47 6.77
N GLU A 185 23.11 4.97 5.83
CA GLU A 185 24.40 5.57 6.12
C GLU A 185 24.24 6.82 7.00
N SER A 186 23.15 7.56 6.80
CA SER A 186 22.92 8.80 7.53
C SER A 186 21.90 8.62 8.62
N LYS A 187 21.44 7.38 8.83
CA LYS A 187 20.37 7.08 9.77
C LYS A 187 19.17 8.01 9.54
N GLN A 188 18.87 8.17 8.27
CA GLN A 188 17.80 9.04 7.83
C GLN A 188 16.46 8.55 8.37
N ALA A 189 15.67 9.50 8.89
CA ALA A 189 14.33 9.21 9.44
C ALA A 189 13.24 9.93 8.65
N ARG A 190 13.56 11.10 8.14
CA ARG A 190 12.55 11.96 7.50
C ARG A 190 12.80 12.06 6.02
N ALA A 191 11.73 12.06 5.25
CA ALA A 191 11.75 12.16 3.79
C ALA A 191 11.05 13.44 3.36
N ASN A 192 11.62 14.14 2.40
CA ASN A 192 11.17 15.51 2.05
C ASN A 192 10.27 15.65 0.84
N SEP A 193 10.07 14.58 0.06
CA SEP A 193 9.22 14.70 -1.13
CB SEP A 193 9.41 13.52 -2.06
OG SEP A 193 10.79 13.42 -2.46
C SEP A 193 7.74 14.77 -0.74
O SEP A 193 7.28 14.00 0.12
P SEP A 193 11.65 12.18 -1.97
O1P SEP A 193 13.12 12.53 -2.37
O2P SEP A 193 11.53 12.06 -0.43
O3P SEP A 193 11.11 10.91 -2.75
H SEP A 193 10.41 13.80 0.18
HA SEP A 193 9.45 15.53 -1.63
HB2 SEP A 193 9.16 12.70 -1.59
HB3 SEP A 193 8.85 13.63 -2.84
N PHE A 194 6.97 15.62 -1.40
CA PHE A 194 5.58 15.77 -1.09
C PHE A 194 4.75 14.89 -2.00
N VAL A 195 4.36 13.74 -1.47
CA VAL A 195 3.64 12.72 -2.22
C VAL A 195 2.55 12.17 -1.30
N GLY A 196 1.55 11.48 -1.85
CA GLY A 196 0.49 10.85 -1.08
C GLY A 196 -0.88 11.10 -1.71
N THR A 197 -1.90 10.76 -0.92
CA THR A 197 -3.32 10.91 -1.29
C THR A 197 -3.99 11.58 -0.11
N ALA A 198 -4.80 12.61 -0.39
CA ALA A 198 -5.28 13.49 0.68
C ALA A 198 -5.95 12.78 1.84
N GLN A 199 -6.82 11.78 1.58
CA GLN A 199 -7.55 11.13 2.67
CA GLN A 199 -7.55 11.14 2.68
C GLN A 199 -6.60 10.44 3.64
N TYR A 200 -5.40 10.05 3.18
CA TYR A 200 -4.49 9.19 3.94
C TYR A 200 -3.23 9.88 4.36
N VAL A 201 -3.02 11.14 3.97
CA VAL A 201 -1.77 11.85 4.18
C VAL A 201 -1.66 12.20 5.67
N SER A 202 -0.43 12.15 6.17
CA SER A 202 -0.18 12.37 7.57
C SER A 202 -0.10 13.86 7.93
N PRO A 203 -0.39 14.17 9.19
CA PRO A 203 -0.33 15.59 9.57
C PRO A 203 1.08 16.12 9.49
N GLU A 204 2.09 15.30 9.78
CA GLU A 204 3.49 15.79 9.74
C GLU A 204 3.86 16.21 8.34
N LEU A 205 3.37 15.51 7.32
CA LEU A 205 3.76 15.91 5.94
C LEU A 205 3.13 17.26 5.66
N LEU A 206 1.88 17.48 6.14
CA LEU A 206 1.22 18.75 5.92
C LEU A 206 1.86 19.87 6.70
N THR A 207 2.24 19.67 7.95
CA THR A 207 2.69 20.77 8.81
C THR A 207 4.21 20.95 8.82
N GLU A 208 4.95 19.84 8.79
CA GLU A 208 6.41 19.85 8.89
C GLU A 208 7.07 19.66 7.56
N LYS A 209 6.30 19.28 6.56
CA LYS A 209 6.78 19.09 5.19
C LYS A 209 7.74 17.92 5.04
N SER A 210 7.61 16.94 5.92
CA SER A 210 8.29 15.67 5.75
CA SER A 210 8.36 15.68 5.85
C SER A 210 7.47 14.53 6.31
N ALA A 211 7.75 13.33 5.83
CA ALA A 211 7.13 12.08 6.24
C ALA A 211 8.18 11.21 6.87
N CYS A 212 7.72 10.20 7.59
CA CYS A 212 8.60 9.22 8.28
C CYS A 212 7.90 7.89 8.21
N LYS A 213 8.52 6.81 8.70
CA LYS A 213 7.86 5.51 8.70
CA LYS A 213 7.84 5.53 8.64
C LYS A 213 6.49 5.58 9.35
N SER A 214 6.39 6.33 10.46
CA SER A 214 5.15 6.43 11.19
C SER A 214 4.03 7.05 10.38
N SER A 215 4.37 7.79 9.33
CA SER A 215 3.33 8.28 8.42
C SER A 215 2.47 7.16 7.83
N ASP A 216 3.10 6.00 7.57
CA ASP A 216 2.37 4.84 7.08
C ASP A 216 1.41 4.28 8.16
N LEU A 217 1.78 4.45 9.44
CA LEU A 217 0.92 3.97 10.53
C LEU A 217 -0.30 4.84 10.66
N TRP A 218 -0.18 6.14 10.38
CA TRP A 218 -1.34 7.03 10.27
C TRP A 218 -2.26 6.51 9.17
N ALA A 219 -1.70 6.22 7.97
CA ALA A 219 -2.51 5.70 6.89
C ALA A 219 -3.19 4.40 7.30
N LEU A 220 -2.49 3.50 8.00
CA LEU A 220 -3.05 2.28 8.51
C LEU A 220 -4.29 2.56 9.37
N GLY A 221 -4.18 3.51 10.28
CA GLY A 221 -5.33 3.88 11.10
C GLY A 221 -6.52 4.33 10.27
N CYS A 222 -6.27 5.14 9.23
CA CYS A 222 -7.36 5.54 8.34
C CYS A 222 -7.99 4.33 7.62
N ILE A 223 -7.14 3.36 7.21
CA ILE A 223 -7.63 2.17 6.55
C ILE A 223 -8.48 1.28 7.46
N ILE A 224 -8.00 1.04 8.68
CA ILE A 224 -8.80 0.23 9.61
C ILE A 224 -10.16 0.89 9.82
N TYR A 225 -10.16 2.19 10.05
CA TYR A 225 -11.41 2.95 10.21
C TYR A 225 -12.30 2.72 9.01
N GLN A 226 -11.76 2.84 7.81
CA GLN A 226 -12.53 2.67 6.57
C GLN A 226 -13.12 1.26 6.42
N LEU A 227 -12.36 0.24 6.81
CA LEU A 227 -12.88 -1.11 6.69
C LEU A 227 -14.12 -1.27 7.53
N VAL A 228 -14.14 -0.66 8.71
CA VAL A 228 -15.26 -0.87 9.63
C VAL A 228 -16.37 0.12 9.34
N ALA A 229 -16.07 1.37 9.11
CA ALA A 229 -17.08 2.45 8.96
C ALA A 229 -17.58 2.61 7.56
N GLY A 230 -16.82 2.17 6.57
CA GLY A 230 -17.19 2.23 5.17
C GLY A 230 -16.70 3.45 4.46
N LEU A 231 -16.13 4.40 5.19
CA LEU A 231 -15.60 5.65 4.66
C LEU A 231 -14.34 5.94 5.45
N PRO A 232 -13.34 6.60 4.81
CA PRO A 232 -12.16 7.01 5.58
C PRO A 232 -12.54 8.17 6.55
N PRO A 233 -11.77 8.35 7.60
CA PRO A 233 -12.20 9.23 8.70
C PRO A 233 -12.20 10.71 8.36
N PHE A 234 -11.30 11.16 7.50
CA PHE A 234 -11.16 12.58 7.11
C PHE A 234 -11.60 12.63 5.65
N ARG A 235 -12.72 13.24 5.40
CA ARG A 235 -13.29 13.13 4.08
C ARG A 235 -14.03 14.46 3.79
N ALA A 236 -13.98 14.86 2.55
CA ALA A 236 -14.61 16.10 2.13
C ALA A 236 -14.53 16.10 0.64
N GLY A 237 -15.21 17.05 0.01
CA GLY A 237 -15.30 17.11 -1.41
C GLY A 237 -14.11 17.73 -2.06
N ASN A 238 -13.13 18.22 -1.29
CA ASN A 238 -11.87 18.62 -1.91
C ASN A 238 -10.78 18.52 -0.90
N GLU A 239 -9.55 18.57 -1.45
CA GLU A 239 -8.38 18.22 -0.68
C GLU A 239 -8.10 19.17 0.47
N GLY A 240 -8.23 20.47 0.21
CA GLY A 240 -7.89 21.40 1.25
C GLY A 240 -8.76 21.26 2.49
N LEU A 241 -10.04 20.96 2.29
CA LEU A 241 -10.92 20.71 3.41
C LEU A 241 -10.48 19.52 4.25
N ILE A 242 -10.02 18.47 3.55
CA ILE A 242 -9.51 17.28 4.22
C ILE A 242 -8.26 17.65 5.05
N PHE A 243 -7.34 18.41 4.46
CA PHE A 243 -6.14 18.82 5.15
C PHE A 243 -6.46 19.52 6.46
N ALA A 244 -7.46 20.41 6.37
CA ALA A 244 -7.83 21.17 7.55
C ALA A 244 -8.30 20.24 8.67
N LYS A 245 -9.08 19.21 8.31
CA LYS A 245 -9.54 18.23 9.33
C LYS A 245 -8.40 17.38 9.89
N ILE A 246 -7.48 16.96 9.03
CA ILE A 246 -6.39 16.11 9.51
C ILE A 246 -5.63 16.82 10.60
N ILE A 247 -5.27 18.08 10.34
CA ILE A 247 -4.40 18.86 11.23
CA ILE A 247 -4.34 18.74 11.29
C ILE A 247 -5.04 19.05 12.61
N LYS A 248 -6.38 19.09 12.63
CA LYS A 248 -7.16 19.27 13.85
C LYS A 248 -7.59 17.97 14.49
N LEU A 249 -7.21 16.83 13.90
CA LEU A 249 -7.71 15.51 14.31
C LEU A 249 -9.25 15.52 14.41
N GLU A 250 -9.92 16.09 13.40
CA GLU A 250 -11.35 16.27 13.40
C GLU A 250 -11.97 15.07 12.69
N TYR A 251 -12.42 14.10 13.49
CA TYR A 251 -13.16 12.94 12.99
C TYR A 251 -13.94 12.35 14.16
N ASP A 252 -14.85 11.45 13.85
CA ASP A 252 -15.70 10.81 14.83
CA ASP A 252 -15.62 10.78 14.87
C ASP A 252 -15.89 9.35 14.44
N PHE A 253 -16.26 8.54 15.41
CA PHE A 253 -16.58 7.13 15.14
C PHE A 253 -18.11 6.93 15.03
N PRO A 254 -18.58 6.08 14.09
CA PRO A 254 -19.99 5.69 14.12
C PRO A 254 -20.31 4.84 15.31
N GLU A 255 -21.59 4.51 15.38
N GLU A 255 -21.58 4.93 15.76
CA GLU A 255 -22.09 3.46 16.27
CA GLU A 255 -22.00 4.51 17.11
C GLU A 255 -21.67 2.05 15.84
C GLU A 255 -21.60 3.05 17.43
N LYS A 256 -21.44 1.23 16.84
N LYS A 256 -21.75 2.23 16.40
CA LYS A 256 -21.23 -0.22 16.68
CA LYS A 256 -21.38 0.86 16.44
C LYS A 256 -19.82 -0.51 16.17
C LYS A 256 -20.07 0.77 15.66
N PHE A 257 -19.00 0.51 16.14
N PHE A 257 -18.99 0.45 16.36
CA PHE A 257 -17.63 0.32 15.74
CA PHE A 257 -17.65 0.30 15.76
C PHE A 257 -16.95 -0.62 16.74
N PHE A 258 -16.39 -1.73 16.27
CA PHE A 258 -15.87 -2.72 17.23
C PHE A 258 -14.97 -2.08 18.28
N PRO A 259 -15.28 -2.24 19.57
CA PRO A 259 -14.53 -1.40 20.51
C PRO A 259 -13.01 -1.54 20.53
N LYS A 260 -12.46 -2.76 20.41
CA LYS A 260 -11.02 -2.90 20.41
C LYS A 260 -10.40 -2.32 19.13
N ALA A 261 -11.11 -2.35 18.01
CA ALA A 261 -10.67 -1.69 16.80
C ALA A 261 -10.70 -0.18 16.95
N ARG A 262 -11.69 0.38 17.64
CA ARG A 262 -11.70 1.82 17.91
C ARG A 262 -10.50 2.21 18.74
N ASP A 263 -10.21 1.42 19.76
CA ASP A 263 -9.03 1.66 20.59
C ASP A 263 -7.74 1.67 19.75
N LEU A 264 -7.60 0.68 18.89
CA LEU A 264 -6.45 0.65 18.00
C LEU A 264 -6.38 1.86 17.08
N VAL A 265 -7.48 2.25 16.46
CA VAL A 265 -7.47 3.43 15.59
C VAL A 265 -7.07 4.68 16.38
N GLU A 266 -7.58 4.79 17.60
CA GLU A 266 -7.20 5.96 18.44
C GLU A 266 -5.74 5.96 18.81
N LYS A 267 -5.11 4.79 18.80
CA LYS A 267 -3.66 4.71 19.02
C LYS A 267 -2.77 4.87 17.79
N LEU A 268 -3.38 4.96 16.62
CA LEU A 268 -2.70 5.19 15.36
C LEU A 268 -2.93 6.61 14.86
N LEU A 269 -4.15 7.10 14.97
CA LEU A 269 -4.49 8.46 14.53
C LEU A 269 -4.16 9.45 15.65
N VAL A 270 -2.86 9.64 15.82
CA VAL A 270 -2.29 10.50 16.85
C VAL A 270 -1.45 11.52 16.11
N LEU A 271 -1.65 12.81 16.41
CA LEU A 271 -0.95 13.84 15.65
C LEU A 271 0.55 13.74 15.76
N ASP A 272 1.04 13.51 16.98
CA ASP A 272 2.48 13.36 17.19
C ASP A 272 2.96 11.99 16.65
N ALA A 273 3.73 12.05 15.57
CA ALA A 273 4.14 10.82 14.87
C ALA A 273 5.01 9.91 15.72
N THR A 274 5.60 10.44 16.81
CA THR A 274 6.41 9.63 17.72
C THR A 274 5.59 8.90 18.77
N LYS A 275 4.27 9.04 18.74
CA LYS A 275 3.37 8.46 19.73
C LYS A 275 2.39 7.44 19.17
N ARG A 276 2.56 7.05 17.92
CA ARG A 276 1.68 6.08 17.27
C ARG A 276 2.17 4.69 17.59
N LEU A 277 1.22 3.82 17.93
CA LEU A 277 1.53 2.43 18.23
C LEU A 277 2.13 1.78 16.99
N GLY A 278 3.31 1.16 17.17
CA GLY A 278 4.08 0.58 16.09
C GLY A 278 5.30 1.37 15.65
N CYS A 279 5.37 2.65 15.99
CA CYS A 279 6.49 3.47 15.53
C CYS A 279 7.75 3.18 16.32
N GLU A 280 8.88 3.58 15.81
CA GLU A 280 10.15 3.26 16.43
C GLU A 280 10.28 3.83 17.83
N GLU A 281 9.77 5.02 18.05
CA GLU A 281 9.84 5.70 19.37
C GLU A 281 8.93 5.05 20.40
N MET A 282 7.98 4.24 19.93
CA MET A 282 7.06 3.49 20.76
CA MET A 282 7.12 3.48 20.80
C MET A 282 7.52 2.01 20.81
N GLU A 283 8.74 1.74 20.37
CA GLU A 283 9.37 0.43 20.49
C GLU A 283 8.84 -0.57 19.48
N GLY A 284 8.34 -0.06 18.36
CA GLY A 284 8.18 -0.89 17.18
C GLY A 284 6.97 -1.77 17.10
N TYR A 285 7.09 -2.82 16.29
CA TYR A 285 5.91 -3.62 15.93
C TYR A 285 5.45 -4.58 17.00
N GLY A 286 6.30 -4.90 17.98
CA GLY A 286 5.89 -5.82 19.02
C GLY A 286 4.67 -5.33 19.78
N PRO A 287 4.71 -4.11 20.29
CA PRO A 287 3.55 -3.61 21.00
C PRO A 287 2.30 -3.47 20.11
N LEU A 288 2.50 -3.16 18.83
CA LEU A 288 1.35 -3.09 17.93
C LEU A 288 0.71 -4.46 17.72
N LYS A 289 1.53 -5.48 17.43
CA LYS A 289 1.02 -6.84 17.26
CA LYS A 289 1.02 -6.85 17.28
C LYS A 289 0.37 -7.39 18.53
N ALA A 290 0.78 -6.87 19.70
CA ALA A 290 0.24 -7.25 21.00
C ALA A 290 -1.05 -6.50 21.36
N HIS A 291 -1.53 -5.59 20.51
CA HIS A 291 -2.77 -4.89 20.83
C HIS A 291 -3.91 -5.89 21.02
N PRO A 292 -4.83 -5.64 21.97
CA PRO A 292 -5.95 -6.56 22.17
C PRO A 292 -6.82 -6.88 20.94
N PHE A 293 -6.91 -5.98 19.95
CA PHE A 293 -7.71 -6.30 18.77
C PHE A 293 -7.11 -7.52 18.04
N PHE A 294 -5.81 -7.77 18.22
CA PHE A 294 -5.11 -8.86 17.54
C PHE A 294 -4.92 -10.10 18.42
N GLU A 295 -5.61 -10.17 19.54
CA GLU A 295 -5.36 -11.29 20.46
C GLU A 295 -5.45 -12.66 19.80
N SER A 296 -6.41 -12.88 18.93
CA SER A 296 -6.51 -14.22 18.31
C SER A 296 -5.57 -14.47 17.11
N VAL A 297 -4.77 -13.47 16.72
CA VAL A 297 -3.96 -13.61 15.52
C VAL A 297 -2.71 -14.44 15.72
N THR A 298 -2.48 -15.39 14.79
CA THR A 298 -1.23 -16.12 14.71
C THR A 298 -0.38 -15.44 13.63
N TRP A 299 0.55 -14.60 14.02
CA TRP A 299 1.31 -13.77 13.10
C TRP A 299 2.23 -14.54 12.16
N GLU A 300 2.77 -15.64 12.65
CA GLU A 300 3.82 -16.30 11.89
CA GLU A 300 3.53 -16.57 11.83
C GLU A 300 3.32 -17.05 10.66
C GLU A 300 2.64 -17.29 10.85
N ASN A 301 1.99 -17.19 10.57
N ASN A 301 3.01 -17.23 9.58
CA ASN A 301 1.38 -18.16 9.67
CA ASN A 301 2.28 -17.93 8.56
C ASN A 301 0.49 -17.48 8.66
C ASN A 301 0.89 -17.37 8.24
N LEU A 302 0.29 -16.15 8.80
N LEU A 302 0.63 -16.08 8.48
CA LEU A 302 -0.75 -15.46 8.06
CA LEU A 302 -0.64 -15.48 8.06
C LEU A 302 -0.83 -15.77 6.57
N HIS A 303 0.28 -15.71 5.80
CA HIS A 303 0.16 -15.88 4.36
C HIS A 303 -0.22 -17.27 3.91
N GLN A 304 -0.14 -18.24 4.83
CA GLN A 304 -0.53 -19.61 4.53
C GLN A 304 -1.90 -19.94 5.13
N GLN A 305 -2.50 -19.01 5.87
CA GLN A 305 -3.85 -19.20 6.41
C GLN A 305 -4.89 -18.98 5.33
N THR A 306 -6.04 -19.64 5.43
CA THR A 306 -7.12 -19.37 4.51
C THR A 306 -7.84 -18.09 4.96
N PRO A 307 -7.86 -17.04 4.11
CA PRO A 307 -8.55 -15.82 4.55
C PRO A 307 -10.03 -16.11 4.80
N PRO A 308 -10.62 -15.39 5.74
CA PRO A 308 -12.07 -15.45 5.94
C PRO A 308 -12.80 -14.91 4.73
N LYS A 309 -13.95 -15.49 4.37
CA LYS A 309 -14.72 -15.01 3.23
C LYS A 309 -15.33 -13.63 3.53
N LEU A 310 -15.27 -12.76 2.54
CA LEU A 310 -15.76 -11.39 2.69
C LEU A 310 -17.22 -11.39 2.37
N THR A 311 -18.06 -11.15 3.37
CA THR A 311 -19.52 -11.09 3.17
C THR A 311 -20.02 -9.88 3.94
PG ATP B . -2.23 6.31 -10.67
O1G ATP B . -2.35 6.78 -9.23
O2G ATP B . -2.62 7.37 -11.68
O3G ATP B . -0.96 5.52 -11.00
PB ATP B . -3.11 3.60 -10.79
O1B ATP B . -4.51 3.07 -10.76
O2B ATP B . -2.23 3.26 -9.60
O3B ATP B . -3.37 5.19 -10.93
PA ATP B . -1.57 1.77 -12.54
O1A ATP B . -0.42 1.65 -11.54
O2A ATP B . -1.27 1.93 -14.01
O3A ATP B . -2.42 3.13 -12.18
O5' ATP B . -2.68 0.64 -12.33
C5' ATP B . -3.75 0.55 -13.28
C4' ATP B . -4.69 -0.49 -12.75
O4' ATP B . -4.04 -1.74 -12.81
C3' ATP B . -5.01 -0.20 -11.30
O3' ATP B . -6.42 -0.18 -11.14
C2' ATP B . -4.53 -1.40 -10.54
O2' ATP B . -5.58 -1.75 -9.65
C1' ATP B . -4.29 -2.45 -11.62
N9 ATP B . -3.06 -3.12 -11.27
C8 ATP B . -1.84 -2.57 -11.03
N7 ATP B . -0.98 -3.57 -10.73
C5 ATP B . -1.66 -4.71 -10.83
C6 ATP B . -1.29 -6.10 -10.69
N6 ATP B . -0.02 -6.26 -10.30
N1 ATP B . -2.26 -7.10 -10.80
C2 ATP B . -3.50 -6.73 -11.15
N3 ATP B . -3.90 -5.47 -11.33
C4 ATP B . -3.01 -4.44 -11.18
H8 ATP B . -1.62 -1.52 -11.04
HN61 ATP B . 0.36 -7.17 -10.16
HN62 ATP B . 0.57 -5.44 -10.22
H2 ATP B . -4.24 -7.53 -11.28
CL2 SVQ C . 13.09 2.23 -14.57
CL2 SVQ C . 12.47 -0.66 -18.00
C25 SVQ C . 13.19 1.03 -15.89
C25 SVQ C . 13.23 0.35 -16.76
C24 SVQ C . 12.04 0.30 -16.18
C24 SVQ C . 12.47 0.73 -15.66
C23 SVQ C . 12.09 -0.63 -17.21
C23 SVQ C . 13.07 1.53 -14.69
C22 SVQ C . 13.26 -0.84 -17.93
C22 SVQ C . 14.40 1.94 -14.80
C21 SVQ C . 14.42 -0.12 -17.67
C21 SVQ C . 15.19 1.59 -15.91
C20 SVQ C . 14.44 0.83 -16.67
C20 SVQ C . 14.64 0.80 -16.91
C14 SVQ C . 15.71 1.57 -16.41
C14 SVQ C . 15.45 0.38 -18.07
C13 SVQ C . 16.71 0.55 -15.81
C13 SVQ C . 16.27 -0.85 -17.63
C17 SVQ C . 17.14 0.94 -14.42
C17 SVQ C . 15.97 -2.05 -18.49
O19 SVQ C . 17.41 2.14 -14.19
O19 SVQ C . 15.59 -3.09 -17.92
O18 SVQ C . 17.21 0.01 -13.55
O18 SVQ C . 16.15 -1.98 -19.74
C12 SVQ C . 18.00 0.29 -16.59
C12 SVQ C . 17.78 -0.65 -17.54
C11 SVQ C . 17.77 0.38 -18.08
C11 SVQ C . 18.27 0.11 -18.75
C10 SVQ C . 17.25 1.77 -18.34
C10 SVQ C . 17.62 1.46 -18.69
O15 SVQ C . 17.81 2.44 -19.18
O15 SVQ C . 18.29 2.47 -18.78
N9 SVQ C . 16.18 2.16 -17.66
N9 SVQ C . 16.29 1.49 -18.59
C8 SVQ C . 15.24 3.19 -18.09
C8 SVQ C . 15.46 2.60 -19.04
C7 SVQ C . 15.89 4.55 -18.39
C7 SVQ C . 15.77 3.87 -18.26
C2 SVQ C . 14.74 5.45 -18.81
C2 SVQ C . 14.80 4.94 -18.72
C3 SVQ C . 14.63 5.87 -20.13
C3 SVQ C . 14.79 5.33 -20.05
C4 SVQ C . 13.58 6.69 -20.52
C4 SVQ C . 13.89 6.31 -20.47
C5 SVQ C . 12.63 7.06 -19.57
C5 SVQ C . 13.00 6.87 -19.56
CL1 SVQ C . 11.26 8.10 -20.06
CL1 SVQ C . 11.86 8.10 -20.15
C6 SVQ C . 12.74 6.64 -18.25
C6 SVQ C . 13.01 6.49 -18.21
C1 SVQ C . 13.80 5.83 -17.88
C1 SVQ C . 13.92 5.52 -17.81
S1 DTD D . 0.01 14.59 -0.67
C1 DTD D . 0.29 14.79 -2.42
C2 DTD D . -1.08 14.88 -3.13
O2 DTD D . -1.07 14.95 -4.55
C3 DTD D . -1.80 16.12 -2.70
O3 DTD D . -2.45 16.65 -3.87
C4 DTD D . -2.80 15.71 -1.64
S4 DTD D . -1.90 14.93 -0.35
S DMS E . 3.14 -13.72 7.37
O DMS E . 2.74 -15.13 6.93
C1 DMS E . 4.00 -13.08 5.91
C2 DMS E . 4.53 -14.03 8.48
H11 DMS E . 4.95 -13.11 8.78
H12 DMS E . 4.19 -14.56 9.34
H13 DMS E . 5.27 -14.60 7.98
H21 DMS E . 4.40 -12.12 6.14
H22 DMS E . 4.79 -13.74 5.64
H23 DMS E . 3.31 -12.99 5.11
NA NA F . -0.12 3.46 -9.96
NA NA G . -2.15 10.32 -4.83
NA NA H . -2.38 3.05 -7.39
NA NA H . -3.06 4.31 -6.91
#